data_2VX7
#
_entry.id   2VX7
#
_cell.length_a   84.334
_cell.length_b   84.334
_cell.length_c   243.295
_cell.angle_alpha   90.00
_cell.angle_beta   90.00
_cell.angle_gamma   120.00
#
_symmetry.space_group_name_H-M   'P 61 2 2'
#
loop_
_entity.id
_entity.type
_entity.pdbx_description
1 polymer 'CELLVIBRIO JAPONICUS MANNANASE CJMAN26C'
2 branched beta-D-mannopyranose-(1-4)-beta-D-mannopyranose
3 non-polymer 'SODIUM ION'
4 water water
#
_entity_poly.entity_id   1
_entity_poly.type   'polypeptide(L)'
_entity_poly.pdbx_seq_one_letter_code
;MSEKPAESAAAVADSATTTAPQSGKPETALPALIDTQATAETRALYRNLAKLRYKHLLFGHEDSLAYGVHWEGDMDRSDV
RDVTGANPAVYGWELGGLELGHTANLDAVNFEKMQHWIKAGYSRGGVITISWHVFNPVSGGNSWDKTPAVHELIPGGARH
ATLKAYLDTFVAFNEGLADVDAQGNKHYPPIIFRPWHEHNGDWFWWGKGHASEQDYIALWRFTVHYLRDEKKLRNLIYAY
SPDRSRIDMANFEAGYLYGYPGDAYVDIIGLDNYWDVGHEANTASADEQKAALTASLKQLVQIARSKGKIAALTATGNNR
LTIDNFWTERLLGPISADADASEIAYVMVWRNANLAREKSEQFFAPFPGQATADDFKRFYQSEVVLFEDELPPLYR
;
_entity_poly.pdbx_strand_id   A
#
# COMPACT_ATOMS: atom_id res chain seq x y z
N LEU A 30 13.16 -2.49 17.77
CA LEU A 30 14.53 -2.42 17.20
C LEU A 30 14.57 -1.60 15.88
N PRO A 31 13.69 -1.88 14.91
CA PRO A 31 13.71 -0.93 13.80
C PRO A 31 13.35 0.48 14.25
N ALA A 32 13.99 1.46 13.64
CA ALA A 32 13.72 2.87 13.91
C ALA A 32 13.25 3.57 12.65
N LEU A 33 12.26 4.44 12.81
CA LEU A 33 11.76 5.26 11.71
C LEU A 33 12.80 6.28 11.22
N ILE A 34 12.71 6.60 9.94
CA ILE A 34 13.54 7.69 9.37
C ILE A 34 13.13 9.06 9.94
N ASP A 35 11.89 9.20 10.38
CA ASP A 35 11.48 10.41 11.09
C ASP A 35 11.76 10.25 12.58
N THR A 36 12.87 10.84 13.01
CA THR A 36 13.33 10.72 14.38
C THR A 36 12.40 11.43 15.34
N GLN A 37 11.49 12.23 14.79
CA GLN A 37 10.56 13.03 15.59
C GLN A 37 9.09 12.62 15.38
N ALA A 38 8.90 11.43 14.83
CA ALA A 38 7.56 10.95 14.54
C ALA A 38 6.66 11.01 15.77
N THR A 39 5.37 11.20 15.54
CA THR A 39 4.41 11.31 16.62
C THR A 39 4.43 10.02 17.43
N ALA A 40 4.00 10.13 18.67
CA ALA A 40 4.00 8.99 19.57
C ALA A 40 3.21 7.83 18.95
N GLU A 41 2.11 8.16 18.29
CA GLU A 41 1.24 7.13 17.72
C GLU A 41 1.93 6.45 16.53
N THR A 42 2.68 7.25 15.79
CA THR A 42 3.39 6.76 14.58
C THR A 42 4.54 5.84 15.00
N ARG A 43 5.24 6.25 16.05
CA ARG A 43 6.36 5.46 16.56
C ARG A 43 5.84 4.15 17.14
N ALA A 44 4.72 4.24 17.82
CA ALA A 44 4.07 3.07 18.43
C ALA A 44 3.65 2.09 17.35
N LEU A 45 3.06 2.59 16.28
CA LEU A 45 2.62 1.70 15.19
C LEU A 45 3.80 0.91 14.63
N TYR A 46 4.89 1.60 14.35
CA TYR A 46 6.06 0.98 13.75
C TYR A 46 6.65 -0.07 14.70
N ARG A 47 6.75 0.29 15.98
CA ARG A 47 7.28 -0.61 16.99
C ARG A 47 6.38 -1.86 17.15
N ASN A 48 5.06 -1.65 17.11
CA ASN A 48 4.12 -2.76 17.30
C ASN A 48 4.06 -3.66 16.07
N LEU A 49 4.21 -3.08 14.89
CA LEU A 49 4.31 -3.91 13.67
C LEU A 49 5.56 -4.78 13.75
N ALA A 50 6.62 -4.20 14.30
CA ALA A 50 7.90 -4.89 14.37
C ALA A 50 7.76 -6.08 15.31
N LYS A 51 6.93 -5.93 16.35
CA LYS A 51 6.76 -7.02 17.34
C LYS A 51 5.81 -8.10 16.84
N LEU A 52 4.76 -7.65 16.17
CA LEU A 52 3.65 -8.55 15.77
C LEU A 52 4.04 -9.40 14.57
N ARG A 53 5.00 -8.94 13.79
CA ARG A 53 5.24 -9.55 12.47
C ARG A 53 5.69 -11.01 12.51
N TYR A 54 6.29 -11.42 13.60
CA TYR A 54 6.89 -12.76 13.67
C TYR A 54 5.80 -13.82 13.66
N LYS A 55 4.72 -13.58 14.39
CA LYS A 55 3.68 -14.60 14.58
C LYS A 55 2.35 -14.23 13.94
N HIS A 56 2.26 -13.04 13.37
CA HIS A 56 1.01 -12.60 12.76
C HIS A 56 1.18 -11.81 11.46
N LEU A 57 0.06 -11.70 10.78
CA LEU A 57 -0.02 -11.06 9.48
C LEU A 57 -1.29 -10.22 9.45
N LEU A 58 -1.15 -8.91 9.33
CA LEU A 58 -2.34 -8.03 9.18
C LEU A 58 -2.89 -8.11 7.76
N PHE A 59 -4.21 -8.16 7.64
CA PHE A 59 -4.86 -8.16 6.34
C PHE A 59 -5.39 -6.78 5.98
N GLY A 60 -5.06 -6.36 4.77
CA GLY A 60 -5.51 -5.08 4.23
C GLY A 60 -6.30 -5.17 2.94
N HIS A 61 -7.13 -4.15 2.73
CA HIS A 61 -7.93 -4.04 1.54
C HIS A 61 -8.00 -2.58 1.13
N GLU A 62 -7.83 -2.35 -0.17
CA GLU A 62 -7.93 -1.03 -0.79
C GLU A 62 -9.39 -0.54 -0.96
N ASP A 63 -9.60 0.73 -0.61
CA ASP A 63 -10.89 1.42 -0.78
C ASP A 63 -12.04 0.64 -0.10
N SER A 64 -11.71 0.00 1.00
CA SER A 64 -12.59 -1.01 1.58
C SER A 64 -13.94 -0.47 2.07
N LEU A 65 -13.96 0.80 2.48
CA LEU A 65 -15.16 1.43 3.00
C LEU A 65 -15.88 2.29 1.96
N ALA A 66 -15.24 2.50 0.81
CA ALA A 66 -15.77 3.47 -0.15
C ALA A 66 -16.89 2.90 -0.99
N TYR A 67 -16.76 1.62 -1.29
CA TYR A 67 -17.67 0.91 -2.18
C TYR A 67 -17.31 -0.57 -2.20
N GLY A 68 -18.18 -1.33 -2.82
CA GLY A 68 -17.95 -2.73 -3.09
C GLY A 68 -18.39 -3.05 -4.50
N VAL A 69 -18.33 -4.33 -4.86
CA VAL A 69 -18.64 -4.71 -6.23
C VAL A 69 -20.09 -4.36 -6.53
N HIS A 70 -20.97 -4.53 -5.54
CA HIS A 70 -22.41 -4.44 -5.76
C HIS A 70 -23.09 -3.36 -4.95
N TRP A 71 -22.29 -2.48 -4.35
CA TRP A 71 -22.84 -1.37 -3.56
C TRP A 71 -21.95 -0.16 -3.57
N GLU A 72 -22.59 0.99 -3.42
CA GLU A 72 -21.89 2.25 -3.18
C GLU A 72 -22.85 3.27 -2.57
N GLY A 73 -22.36 3.97 -1.56
CA GLY A 73 -23.14 5.03 -0.91
C GLY A 73 -23.21 4.89 0.59
N ASP A 74 -23.19 3.65 1.07
CA ASP A 74 -23.22 3.39 2.51
C ASP A 74 -22.08 4.09 3.20
N MET A 75 -22.37 4.69 4.35
CA MET A 75 -21.32 5.43 5.08
C MET A 75 -20.46 4.54 5.97
N ASP A 76 -20.89 3.29 6.18
CA ASP A 76 -20.12 2.36 7.03
C ASP A 76 -20.32 0.91 6.63
N ARG A 77 -19.71 0.56 5.51
CA ARG A 77 -19.84 -0.78 4.95
C ARG A 77 -18.54 -1.21 4.26
N SER A 78 -18.35 -2.51 4.17
CA SER A 78 -17.22 -3.11 3.45
C SER A 78 -17.55 -4.52 2.98
N ASP A 79 -17.20 -4.85 1.74
CA ASP A 79 -17.37 -6.23 1.24
C ASP A 79 -16.68 -7.21 2.19
N VAL A 80 -15.55 -6.78 2.75
CA VAL A 80 -14.74 -7.66 3.59
C VAL A 80 -15.51 -8.02 4.86
N ARG A 81 -16.19 -7.02 5.40
CA ARG A 81 -16.98 -7.18 6.63
C ARG A 81 -18.23 -7.96 6.33
N ASP A 82 -18.82 -7.70 5.17
CA ASP A 82 -20.04 -8.40 4.77
C ASP A 82 -19.79 -9.90 4.72
N VAL A 83 -18.56 -10.29 4.37
CA VAL A 83 -18.23 -11.73 4.25
C VAL A 83 -17.82 -12.33 5.60
N THR A 84 -16.99 -11.61 6.37
CA THR A 84 -16.34 -12.19 7.54
C THR A 84 -16.89 -11.71 8.87
N GLY A 85 -17.60 -10.58 8.83
CA GLY A 85 -18.06 -9.91 10.06
C GLY A 85 -17.06 -8.90 10.60
N ALA A 86 -15.90 -8.82 9.97
CA ALA A 86 -14.84 -7.91 10.41
C ALA A 86 -14.32 -7.03 9.29
N ASN A 87 -13.91 -5.82 9.66
CA ASN A 87 -13.17 -4.92 8.77
C ASN A 87 -11.74 -5.41 8.54
N PRO A 88 -11.13 -5.03 7.41
CA PRO A 88 -9.69 -5.29 7.34
C PRO A 88 -8.93 -4.57 8.44
N ALA A 89 -7.76 -5.09 8.78
CA ALA A 89 -6.90 -4.43 9.75
C ALA A 89 -6.19 -3.23 9.13
N VAL A 90 -5.87 -3.35 7.85
CA VAL A 90 -5.18 -2.29 7.09
C VAL A 90 -6.12 -1.76 6.01
N TYR A 91 -6.30 -0.45 6.02
CA TYR A 91 -7.12 0.24 5.02
C TYR A 91 -6.23 1.01 4.06
N GLY A 92 -6.27 0.60 2.80
CA GLY A 92 -5.59 1.33 1.74
C GLY A 92 -6.49 2.34 1.08
N TRP A 93 -5.89 3.48 0.78
CA TRP A 93 -6.54 4.61 0.09
C TRP A 93 -5.59 5.20 -0.94
N GLU A 94 -6.16 6.01 -1.84
CA GLU A 94 -5.50 6.40 -3.09
C GLU A 94 -5.77 7.85 -3.45
N LEU A 95 -4.71 8.62 -3.66
CA LEU A 95 -4.87 10.08 -3.81
C LEU A 95 -4.88 10.62 -5.22
N GLY A 96 -4.67 9.79 -6.22
CA GLY A 96 -4.59 10.28 -7.59
C GLY A 96 -5.72 11.23 -7.94
N GLY A 97 -5.34 12.43 -8.37
CA GLY A 97 -6.28 13.47 -8.73
C GLY A 97 -6.31 14.60 -7.71
N LEU A 98 -5.85 14.29 -6.50
CA LEU A 98 -5.81 15.30 -5.42
C LEU A 98 -4.93 16.49 -5.83
N GLU A 99 -3.87 16.14 -6.54
CA GLU A 99 -2.85 17.11 -6.97
C GLU A 99 -3.38 18.09 -8.00
N LEU A 100 -4.50 17.73 -8.61
CA LEU A 100 -5.14 18.56 -9.64
C LEU A 100 -6.30 19.35 -9.07
N GLY A 101 -6.48 19.24 -7.76
CA GLY A 101 -7.55 19.94 -7.07
C GLY A 101 -8.92 19.34 -7.27
N HIS A 102 -8.96 18.09 -7.70
CA HIS A 102 -10.22 17.36 -7.89
C HIS A 102 -10.90 17.08 -6.55
N THR A 103 -12.22 17.04 -6.64
N THR A 103 -12.22 17.03 -6.58
CA THR A 103 -13.13 16.80 -5.51
CA THR A 103 -13.02 16.81 -5.37
C THR A 103 -13.04 15.34 -5.09
C THR A 103 -13.12 15.31 -5.09
N ALA A 104 -12.75 14.51 -6.09
CA ALA A 104 -12.69 13.04 -5.93
C ALA A 104 -11.49 12.48 -6.66
N ASN A 105 -11.05 11.30 -6.23
CA ASN A 105 -9.86 10.70 -6.81
C ASN A 105 -10.18 10.07 -8.16
N LEU A 106 -9.18 9.42 -8.72
CA LEU A 106 -9.30 8.93 -10.10
C LEU A 106 -10.31 7.80 -10.24
N ASP A 107 -10.74 7.24 -9.10
CA ASP A 107 -11.77 6.19 -9.09
C ASP A 107 -13.08 6.71 -8.50
N ALA A 108 -13.17 8.03 -8.43
CA ALA A 108 -14.37 8.76 -8.00
C ALA A 108 -14.70 8.59 -6.51
N VAL A 109 -13.65 8.35 -5.73
CA VAL A 109 -13.77 8.40 -4.28
C VAL A 109 -13.61 9.84 -3.83
N ASN A 110 -14.69 10.39 -3.27
CA ASN A 110 -14.73 11.74 -2.75
C ASN A 110 -13.70 11.92 -1.63
N PHE A 111 -12.89 12.97 -1.71
CA PHE A 111 -11.80 13.16 -0.75
C PHE A 111 -12.27 13.47 0.67
N GLU A 112 -13.34 14.24 0.80
CA GLU A 112 -13.91 14.54 2.11
C GLU A 112 -14.40 13.25 2.79
N LYS A 113 -15.08 12.42 2.01
CA LYS A 113 -15.57 11.13 2.52
C LYS A 113 -14.38 10.26 2.92
N MET A 114 -13.34 10.30 2.10
CA MET A 114 -12.13 9.52 2.35
C MET A 114 -11.48 9.93 3.69
N GLN A 115 -11.46 11.23 3.96
CA GLN A 115 -10.91 11.71 5.21
C GLN A 115 -11.72 11.16 6.38
N HIS A 116 -13.03 11.17 6.24
CA HIS A 116 -13.89 10.65 7.31
C HIS A 116 -13.71 9.13 7.49
N TRP A 117 -13.58 8.42 6.37
CA TRP A 117 -13.37 6.96 6.42
C TRP A 117 -12.01 6.60 7.04
N ILE A 118 -11.00 7.41 6.76
CA ILE A 118 -9.66 7.21 7.34
C ILE A 118 -9.75 7.38 8.86
N LYS A 119 -10.38 8.47 9.28
CA LYS A 119 -10.54 8.75 10.71
C LYS A 119 -11.36 7.66 11.39
N ALA A 120 -12.37 7.17 10.70
CA ALA A 120 -13.26 6.13 11.28
C ALA A 120 -12.45 4.83 11.50
N GLY A 121 -11.69 4.43 10.48
CA GLY A 121 -10.89 3.20 10.59
C GLY A 121 -9.84 3.30 11.67
N TYR A 122 -9.17 4.44 11.69
CA TYR A 122 -8.16 4.73 12.70
C TYR A 122 -8.78 4.71 14.10
N SER A 123 -9.98 5.26 14.22
CA SER A 123 -10.62 5.35 15.55
C SER A 123 -10.92 3.96 16.09
N ARG A 124 -11.01 2.98 15.19
CA ARG A 124 -11.31 1.59 15.59
C ARG A 124 -10.04 0.79 15.80
N GLY A 125 -8.90 1.45 15.59
CA GLY A 125 -7.59 0.85 15.81
C GLY A 125 -6.93 0.31 14.56
N GLY A 126 -7.58 0.53 13.43
CA GLY A 126 -7.05 0.09 12.12
C GLY A 126 -5.85 0.90 11.67
N VAL A 127 -5.17 0.36 10.67
CA VAL A 127 -3.96 0.93 10.08
C VAL A 127 -4.31 1.56 8.75
N ILE A 128 -3.68 2.69 8.47
CA ILE A 128 -3.93 3.47 7.26
C ILE A 128 -2.71 3.46 6.35
N THR A 129 -2.92 3.14 5.08
CA THR A 129 -1.87 3.24 4.06
C THR A 129 -2.41 3.90 2.80
N ILE A 130 -1.55 4.71 2.19
CA ILE A 130 -1.94 5.54 1.05
C ILE A 130 -0.96 5.44 -0.11
N SER A 131 -1.52 5.17 -1.29
CA SER A 131 -0.79 5.29 -2.55
C SER A 131 -1.22 6.50 -3.36
N TRP A 132 -0.54 6.73 -4.46
CA TRP A 132 -0.74 7.97 -5.19
C TRP A 132 -0.37 7.81 -6.66
N HIS A 133 -1.38 7.51 -7.44
CA HIS A 133 -1.27 7.41 -8.90
C HIS A 133 -1.33 8.82 -9.47
N VAL A 134 -0.18 9.48 -9.39
CA VAL A 134 -0.08 10.90 -9.75
C VAL A 134 -0.30 11.07 -11.25
N PHE A 135 -1.15 12.03 -11.58
CA PHE A 135 -1.38 12.39 -12.98
C PHE A 135 -0.11 12.94 -13.61
N ASN A 136 -0.02 12.78 -14.93
CA ASN A 136 1.13 13.26 -15.69
C ASN A 136 1.06 14.78 -15.82
N PRO A 137 2.01 15.50 -15.20
CA PRO A 137 1.90 16.95 -15.25
C PRO A 137 2.19 17.55 -16.64
N VAL A 138 2.92 16.80 -17.46
CA VAL A 138 3.37 17.36 -18.76
C VAL A 138 2.19 17.33 -19.73
N SER A 139 1.47 16.22 -19.73
CA SER A 139 0.40 16.02 -20.71
C SER A 139 -0.98 16.26 -20.12
N GLY A 140 -1.08 16.17 -18.80
CA GLY A 140 -2.37 16.25 -18.14
C GLY A 140 -3.09 14.91 -18.19
N GLY A 141 -2.45 13.91 -18.78
CA GLY A 141 -2.95 12.53 -18.76
C GLY A 141 -2.76 11.89 -17.39
N ASN A 142 -3.13 10.62 -17.28
CA ASN A 142 -3.03 9.89 -16.00
C ASN A 142 -1.67 9.19 -15.85
N SER A 143 -1.54 8.39 -14.80
CA SER A 143 -0.24 7.79 -14.44
C SER A 143 0.30 6.88 -15.55
N TRP A 144 -0.61 6.39 -16.38
CA TRP A 144 -0.28 5.39 -17.42
C TRP A 144 0.12 6.08 -18.73
N ASP A 145 0.04 7.41 -18.73
CA ASP A 145 0.54 8.22 -19.82
C ASP A 145 2.04 8.35 -19.58
N LYS A 146 2.81 7.79 -20.50
CA LYS A 146 4.23 7.57 -20.30
CA LYS A 146 4.23 7.59 -20.23
C LYS A 146 5.08 8.78 -20.69
N THR A 147 4.43 9.87 -21.01
CA THR A 147 5.17 11.11 -21.38
C THR A 147 6.19 11.44 -20.28
N PRO A 148 7.48 11.59 -20.62
CA PRO A 148 8.44 11.85 -19.54
C PRO A 148 8.17 13.10 -18.74
N ALA A 149 8.33 12.95 -17.42
CA ALA A 149 8.09 14.04 -16.47
C ALA A 149 9.06 14.10 -15.30
N VAL A 150 9.68 12.99 -14.92
CA VAL A 150 10.48 12.98 -13.70
C VAL A 150 11.66 13.96 -13.76
N HIS A 151 12.37 13.96 -14.88
CA HIS A 151 13.55 14.82 -15.04
C HIS A 151 13.13 16.27 -14.81
N GLU A 152 11.91 16.60 -15.21
CA GLU A 152 11.42 17.97 -15.10
C GLU A 152 10.96 18.31 -13.69
N LEU A 153 10.56 17.29 -12.92
CA LEU A 153 9.93 17.51 -11.60
C LEU A 153 10.92 17.65 -10.46
N ILE A 154 12.05 16.97 -10.61
CA ILE A 154 13.08 16.89 -9.57
C ILE A 154 13.77 18.25 -9.33
N PRO A 155 14.44 18.41 -8.19
CA PRO A 155 15.14 19.67 -7.99
C PRO A 155 16.03 20.01 -9.18
N GLY A 156 15.93 21.26 -9.62
CA GLY A 156 16.69 21.75 -10.75
C GLY A 156 15.93 21.66 -12.05
N GLY A 157 14.87 20.87 -12.06
CA GLY A 157 14.04 20.68 -13.24
C GLY A 157 13.03 21.80 -13.39
N ALA A 158 12.66 22.06 -14.63
CA ALA A 158 11.78 23.19 -14.98
C ALA A 158 10.43 23.13 -14.27
N ARG A 159 9.95 21.91 -14.03
CA ARG A 159 8.65 21.71 -13.38
C ARG A 159 8.72 21.43 -11.87
N HIS A 160 9.82 21.84 -11.25
CA HIS A 160 10.00 21.53 -9.82
C HIS A 160 8.93 22.19 -8.97
N ALA A 161 8.46 23.36 -9.40
CA ALA A 161 7.40 24.05 -8.67
C ALA A 161 6.13 23.21 -8.68
N THR A 162 5.94 22.44 -9.75
CA THR A 162 4.76 21.58 -9.86
C THR A 162 4.82 20.46 -8.81
N LEU A 163 5.99 19.87 -8.66
CA LEU A 163 6.16 18.79 -7.67
C LEU A 163 5.81 19.31 -6.27
N LYS A 164 6.30 20.51 -5.95
CA LYS A 164 5.99 21.12 -4.66
C LYS A 164 4.48 21.35 -4.49
N ALA A 165 3.84 21.89 -5.53
CA ALA A 165 2.41 22.16 -5.47
C ALA A 165 1.63 20.87 -5.29
N TYR A 166 2.06 19.84 -6.00
CA TYR A 166 1.44 18.52 -5.90
C TYR A 166 1.52 18.00 -4.45
N LEU A 167 2.72 18.02 -3.89
CA LEU A 167 2.92 17.50 -2.55
C LEU A 167 2.15 18.36 -1.53
N ASP A 168 2.03 19.64 -1.84
CA ASP A 168 1.32 20.56 -0.92
C ASP A 168 -0.14 20.10 -0.77
N THR A 169 -0.71 19.50 -1.82
CA THR A 169 -2.12 19.10 -1.74
C THR A 169 -2.28 17.96 -0.71
N PHE A 170 -1.25 17.14 -0.56
CA PHE A 170 -1.27 16.07 0.42
C PHE A 170 -1.11 16.64 1.84
N VAL A 171 -0.23 17.62 1.97
CA VAL A 171 -0.08 18.34 3.23
C VAL A 171 -1.45 18.85 3.70
N ALA A 172 -2.20 19.46 2.80
CA ALA A 172 -3.55 19.96 3.12
C ALA A 172 -4.53 18.84 3.44
N PHE A 173 -4.47 17.77 2.67
CA PHE A 173 -5.35 16.60 2.89
C PHE A 173 -5.14 16.01 4.27
N ASN A 174 -3.86 15.92 4.64
CA ASN A 174 -3.44 15.37 5.94
C ASN A 174 -3.99 16.22 7.10
N GLU A 175 -4.09 17.53 6.89
CA GLU A 175 -4.64 18.42 7.93
C GLU A 175 -6.09 18.07 8.21
N GLY A 176 -6.78 17.60 7.19
CA GLY A 176 -8.19 17.20 7.30
C GLY A 176 -8.38 15.89 8.01
N LEU A 177 -7.27 15.36 8.51
CA LEU A 177 -7.29 14.11 9.29
C LEU A 177 -7.03 14.38 10.76
N ALA A 178 -6.68 15.62 11.07
CA ALA A 178 -6.26 15.99 12.43
C ALA A 178 -7.42 16.14 13.40
N ASP A 179 -7.13 15.81 14.65
CA ASP A 179 -7.98 16.20 15.78
C ASP A 179 -7.14 16.99 16.76
N VAL A 180 -7.83 17.74 17.61
CA VAL A 180 -7.14 18.49 18.67
C VAL A 180 -7.75 18.10 20.00
N ASP A 181 -6.89 17.66 20.91
CA ASP A 181 -7.34 17.18 22.23
C ASP A 181 -7.64 18.31 23.20
N ALA A 182 -8.05 17.94 24.40
CA ALA A 182 -8.56 18.90 25.38
C ALA A 182 -7.45 19.82 25.84
N GLN A 183 -6.21 19.43 25.61
CA GLN A 183 -5.08 20.25 26.03
C GLN A 183 -4.63 21.14 24.89
N GLY A 184 -5.18 20.91 23.71
CA GLY A 184 -4.87 21.74 22.54
C GLY A 184 -3.80 21.15 21.65
N ASN A 185 -3.38 19.93 21.96
CA ASN A 185 -2.42 19.21 21.10
C ASN A 185 -3.10 18.52 19.91
N LYS A 186 -2.47 18.63 18.75
CA LYS A 186 -2.97 18.02 17.50
CA LYS A 186 -2.98 18.04 17.51
C LYS A 186 -2.53 16.59 17.41
N HIS A 187 -3.44 15.75 16.94
CA HIS A 187 -3.15 14.35 16.70
C HIS A 187 -3.59 13.95 15.28
N TYR A 188 -2.86 13.01 14.71
CA TYR A 188 -3.16 12.50 13.37
C TYR A 188 -3.15 10.97 13.34
N PRO A 189 -3.90 10.38 12.42
CA PRO A 189 -3.63 8.99 12.15
C PRO A 189 -2.24 8.82 11.54
N PRO A 190 -1.45 7.87 12.07
CA PRO A 190 -0.29 7.52 11.27
C PRO A 190 -0.70 7.00 9.90
N ILE A 191 0.15 7.26 8.92
CA ILE A 191 -0.06 6.85 7.54
C ILE A 191 1.18 6.17 6.98
N ILE A 192 0.99 4.96 6.46
CA ILE A 192 2.02 4.28 5.69
C ILE A 192 1.90 4.81 4.27
N PHE A 193 2.78 5.78 3.97
CA PHE A 193 2.78 6.53 2.71
C PHE A 193 3.65 5.76 1.71
N ARG A 194 3.04 5.38 0.59
CA ARG A 194 3.68 4.47 -0.38
C ARG A 194 3.66 5.07 -1.79
N PRO A 195 4.53 6.07 -2.03
CA PRO A 195 4.51 6.80 -3.27
C PRO A 195 5.35 6.13 -4.37
N TRP A 196 5.09 6.53 -5.60
CA TRP A 196 6.01 6.20 -6.71
C TRP A 196 6.26 4.69 -6.81
N HIS A 197 5.19 3.95 -6.72
CA HIS A 197 5.24 2.48 -6.63
C HIS A 197 5.52 1.82 -7.97
N GLU A 198 6.04 0.59 -7.90
CA GLU A 198 6.19 -0.28 -9.11
C GLU A 198 7.09 0.38 -10.15
N HIS A 199 8.07 1.10 -9.64
CA HIS A 199 8.91 1.98 -10.45
C HIS A 199 9.91 1.22 -11.33
N ASN A 200 10.07 -0.06 -11.04
CA ASN A 200 10.92 -0.95 -11.86
C ASN A 200 10.14 -1.49 -13.05
N GLY A 201 8.83 -1.25 -13.02
CA GLY A 201 7.96 -1.48 -14.17
C GLY A 201 8.04 -0.30 -15.13
N ASP A 202 7.46 -0.46 -16.32
CA ASP A 202 7.52 0.60 -17.34
C ASP A 202 6.15 1.15 -17.67
N TRP A 203 5.19 0.89 -16.80
CA TRP A 203 3.79 1.24 -17.10
C TRP A 203 3.34 2.60 -16.56
N PHE A 204 4.09 3.14 -15.60
CA PHE A 204 3.85 4.48 -15.08
C PHE A 204 4.91 5.46 -15.59
N TRP A 205 4.58 6.74 -15.67
CA TRP A 205 5.57 7.72 -16.17
C TRP A 205 6.81 7.87 -15.29
N TRP A 206 6.75 7.42 -14.05
CA TRP A 206 7.93 7.45 -13.16
C TRP A 206 8.72 6.14 -13.26
N GLY A 207 8.29 5.30 -14.18
CA GLY A 207 8.89 3.97 -14.34
C GLY A 207 10.11 3.88 -15.22
N LYS A 208 10.75 2.73 -15.12
CA LYS A 208 11.90 2.39 -15.97
C LYS A 208 11.53 2.63 -17.43
N GLY A 209 12.44 3.29 -18.14
CA GLY A 209 12.24 3.61 -19.55
C GLY A 209 11.76 5.03 -19.77
N HIS A 210 11.23 5.63 -18.70
CA HIS A 210 10.65 6.97 -18.77
C HIS A 210 11.33 7.96 -17.85
N ALA A 211 12.12 7.42 -16.93
CA ALA A 211 12.90 8.19 -15.96
C ALA A 211 14.19 7.44 -15.74
N SER A 212 15.31 8.15 -15.66
CA SER A 212 16.57 7.51 -15.32
C SER A 212 16.53 7.04 -13.89
N GLU A 213 17.36 6.04 -13.57
CA GLU A 213 17.40 5.52 -12.22
C GLU A 213 17.79 6.64 -11.26
N GLN A 214 18.77 7.46 -11.63
CA GLN A 214 19.26 8.52 -10.73
C GLN A 214 18.17 9.56 -10.50
N ASP A 215 17.39 9.84 -11.54
CA ASP A 215 16.32 10.86 -11.44
C ASP A 215 15.19 10.33 -10.56
N TYR A 216 14.92 9.03 -10.64
CA TYR A 216 13.88 8.42 -9.76
C TYR A 216 14.32 8.57 -8.31
N ILE A 217 15.60 8.29 -8.07
CA ILE A 217 16.15 8.40 -6.71
C ILE A 217 16.01 9.84 -6.22
N ALA A 218 16.29 10.79 -7.10
CA ALA A 218 16.19 12.21 -6.77
C ALA A 218 14.75 12.58 -6.42
N LEU A 219 13.81 12.00 -7.14
CA LEU A 219 12.39 12.26 -6.95
C LEU A 219 11.97 11.75 -5.57
N TRP A 220 12.41 10.55 -5.26
CA TRP A 220 12.09 9.93 -3.98
C TRP A 220 12.67 10.74 -2.83
N ARG A 221 13.95 11.05 -2.93
CA ARG A 221 14.62 11.75 -1.85
C ARG A 221 13.99 13.11 -1.63
N PHE A 222 13.63 13.77 -2.72
CA PHE A 222 12.95 15.06 -2.59
C PHE A 222 11.61 14.94 -1.88
N THR A 223 10.88 13.88 -2.22
CA THR A 223 9.56 13.67 -1.64
C THR A 223 9.69 13.57 -0.11
N VAL A 224 10.68 12.81 0.35
CA VAL A 224 10.92 12.66 1.78
C VAL A 224 11.41 13.99 2.39
N HIS A 225 12.39 14.63 1.77
CA HIS A 225 12.91 15.89 2.34
C HIS A 225 11.76 16.88 2.45
N TYR A 226 10.92 16.93 1.43
CA TYR A 226 9.88 17.95 1.37
C TYR A 226 8.81 17.71 2.44
N LEU A 227 8.31 16.48 2.51
CA LEU A 227 7.25 16.17 3.49
C LEU A 227 7.78 16.11 4.93
N ARG A 228 8.90 15.42 5.13
CA ARG A 228 9.42 15.21 6.48
C ARG A 228 10.13 16.47 7.01
N ASP A 229 10.93 17.10 6.15
CA ASP A 229 11.86 18.14 6.63
C ASP A 229 11.33 19.57 6.39
N GLU A 230 10.81 19.83 5.21
CA GLU A 230 10.35 21.19 4.87
C GLU A 230 8.97 21.44 5.46
N LYS A 231 8.09 20.46 5.27
CA LYS A 231 6.70 20.58 5.69
C LYS A 231 6.46 20.03 7.11
N LYS A 232 7.44 19.29 7.62
CA LYS A 232 7.43 18.84 9.01
C LYS A 232 6.24 17.95 9.36
N LEU A 233 5.84 17.13 8.40
CA LEU A 233 4.87 16.04 8.68
C LEU A 233 5.56 14.98 9.53
N ARG A 234 4.88 14.61 10.62
CA ARG A 234 5.44 13.72 11.64
C ARG A 234 4.66 12.43 11.83
N ASN A 235 3.67 12.22 10.98
CA ASN A 235 2.77 11.07 11.08
C ASN A 235 2.90 10.11 9.91
N LEU A 236 4.04 10.16 9.22
CA LEU A 236 4.29 9.30 8.05
C LEU A 236 5.36 8.22 8.29
N ILE A 237 5.05 7.07 7.72
CA ILE A 237 5.94 5.90 7.62
C ILE A 237 6.05 5.61 6.13
N TYR A 238 7.29 5.62 5.62
CA TYR A 238 7.53 5.58 4.17
C TYR A 238 7.77 4.18 3.65
N ALA A 239 6.92 3.78 2.71
CA ALA A 239 7.00 2.45 2.07
C ALA A 239 7.45 2.49 0.63
N TYR A 240 8.45 1.65 0.36
CA TYR A 240 9.07 1.42 -0.96
C TYR A 240 8.48 0.13 -1.54
N SER A 241 8.09 0.16 -2.82
CA SER A 241 7.32 -0.95 -3.39
C SER A 241 7.54 -1.29 -4.89
N PRO A 242 8.71 -1.87 -5.21
CA PRO A 242 8.91 -2.46 -6.54
C PRO A 242 7.90 -3.54 -6.85
N ASP A 243 7.75 -3.80 -8.14
CA ASP A 243 6.91 -4.89 -8.62
C ASP A 243 7.71 -6.16 -8.90
N ARG A 244 7.27 -7.24 -8.27
CA ARG A 244 7.91 -8.55 -8.38
C ARG A 244 7.99 -9.02 -9.84
N SER A 245 7.04 -8.61 -10.66
CA SER A 245 6.94 -9.16 -12.03
C SER A 245 8.10 -8.69 -12.90
N ARG A 246 8.85 -7.72 -12.42
CA ARG A 246 9.97 -7.20 -13.18
C ARG A 246 11.27 -7.38 -12.41
N ILE A 247 11.24 -8.30 -11.44
CA ILE A 247 12.45 -8.70 -10.73
C ILE A 247 12.85 -10.10 -11.19
N ASP A 248 14.12 -10.24 -11.52
CA ASP A 248 14.71 -11.55 -11.86
C ASP A 248 14.98 -12.35 -10.62
N MET A 249 14.30 -13.49 -10.51
CA MET A 249 14.36 -14.30 -9.29
C MET A 249 15.76 -14.87 -9.07
N ALA A 250 16.56 -14.89 -10.12
CA ALA A 250 17.96 -15.41 -10.02
C ALA A 250 18.87 -14.33 -9.45
N ASN A 251 18.37 -13.10 -9.44
CA ASN A 251 19.13 -11.96 -8.92
C ASN A 251 18.18 -10.99 -8.21
N PHE A 252 17.55 -11.45 -7.14
CA PHE A 252 16.41 -10.73 -6.56
C PHE A 252 16.83 -9.40 -5.95
N GLU A 253 17.89 -9.44 -5.16
CA GLU A 253 18.29 -8.25 -4.41
C GLU A 253 18.63 -7.11 -5.35
N ALA A 254 19.37 -7.42 -6.41
CA ALA A 254 19.75 -6.40 -7.38
C ALA A 254 18.52 -5.79 -8.03
N GLY A 255 17.57 -6.65 -8.38
CA GLY A 255 16.35 -6.20 -9.06
C GLY A 255 15.53 -5.35 -8.11
N TYR A 256 15.48 -5.80 -6.87
CA TYR A 256 14.70 -5.12 -5.83
C TYR A 256 15.23 -3.71 -5.58
N LEU A 257 16.55 -3.58 -5.64
CA LEU A 257 17.21 -2.33 -5.23
C LEU A 257 17.41 -1.37 -6.40
N TYR A 258 16.90 -1.75 -7.56
CA TYR A 258 16.86 -0.81 -8.69
C TYR A 258 16.06 0.40 -8.23
N GLY A 259 16.69 1.56 -8.27
CA GLY A 259 16.03 2.81 -7.88
C GLY A 259 15.86 3.01 -6.40
N TYR A 260 16.52 2.18 -5.61
CA TYR A 260 16.38 2.28 -4.15
C TYR A 260 17.06 3.57 -3.66
N PRO A 261 16.34 4.38 -2.88
CA PRO A 261 16.86 5.73 -2.62
C PRO A 261 17.78 5.82 -1.43
N GLY A 262 17.87 4.74 -0.66
CA GLY A 262 18.72 4.71 0.52
C GLY A 262 17.93 4.50 1.80
N ASP A 263 18.59 3.90 2.77
CA ASP A 263 17.95 3.54 4.05
C ASP A 263 17.42 4.77 4.80
N ALA A 264 17.98 5.96 4.52
CA ALA A 264 17.57 7.17 5.23
C ALA A 264 16.26 7.69 4.64
N TYR A 265 15.73 6.96 3.67
CA TYR A 265 14.51 7.41 2.96
C TYR A 265 13.37 6.40 2.94
N VAL A 266 13.57 5.26 3.59
CA VAL A 266 12.60 4.15 3.58
C VAL A 266 12.42 3.53 4.95
N ASP A 267 11.15 3.30 5.32
CA ASP A 267 10.83 2.60 6.57
C ASP A 267 10.31 1.18 6.36
N ILE A 268 9.51 1.03 5.32
CA ILE A 268 8.92 -0.29 4.95
C ILE A 268 9.43 -0.76 3.60
N ILE A 269 9.99 -1.96 3.65
CA ILE A 269 10.56 -2.68 2.52
C ILE A 269 9.40 -3.48 1.95
N GLY A 270 8.71 -2.85 1.01
CA GLY A 270 7.49 -3.42 0.44
C GLY A 270 7.71 -4.10 -0.89
N LEU A 271 6.63 -4.68 -1.40
CA LEU A 271 6.62 -5.43 -2.66
C LEU A 271 5.21 -5.56 -3.16
N ASP A 272 5.04 -5.25 -4.44
CA ASP A 272 3.79 -5.49 -5.14
C ASP A 272 3.99 -6.77 -5.96
N ASN A 273 3.20 -7.78 -5.64
CA ASN A 273 3.34 -9.09 -6.26
C ASN A 273 2.00 -9.71 -6.57
N TYR A 274 1.52 -9.43 -7.77
CA TYR A 274 0.34 -10.07 -8.31
C TYR A 274 0.76 -11.25 -9.18
N TRP A 275 2.05 -11.32 -9.45
CA TRP A 275 2.59 -12.27 -10.42
C TRP A 275 2.47 -13.72 -9.94
N ASP A 276 2.86 -13.96 -8.70
CA ASP A 276 2.99 -15.31 -8.15
C ASP A 276 1.67 -15.81 -7.56
N VAL A 277 0.61 -15.06 -7.79
CA VAL A 277 -0.70 -15.39 -7.22
C VAL A 277 -1.75 -15.50 -8.32
N GLY A 278 -1.27 -15.91 -9.48
CA GLY A 278 -2.16 -16.34 -10.57
C GLY A 278 -2.45 -15.29 -11.62
N HIS A 279 -1.53 -14.36 -11.78
CA HIS A 279 -1.64 -13.35 -12.87
C HIS A 279 -1.81 -14.06 -14.22
N GLU A 280 -2.79 -13.58 -14.98
CA GLU A 280 -3.18 -14.23 -16.23
C GLU A 280 -2.05 -14.39 -17.23
N ALA A 281 -1.05 -13.53 -17.15
CA ALA A 281 0.05 -13.53 -18.13
C ALA A 281 1.18 -14.46 -17.71
N ASN A 282 1.09 -14.99 -16.49
CA ASN A 282 2.13 -15.86 -15.92
C ASN A 282 1.89 -17.33 -16.27
N THR A 283 2.78 -17.90 -17.05
CA THR A 283 2.60 -19.28 -17.55
C THR A 283 3.15 -20.32 -16.57
N ALA A 284 3.81 -19.85 -15.51
CA ALA A 284 4.38 -20.78 -14.53
C ALA A 284 3.25 -21.60 -13.89
N SER A 285 3.55 -22.83 -13.52
CA SER A 285 2.57 -23.71 -12.88
C SER A 285 2.21 -23.17 -11.50
N ALA A 286 1.05 -23.60 -11.01
CA ALA A 286 0.61 -23.22 -9.67
C ALA A 286 1.69 -23.52 -8.64
N ASP A 287 2.35 -24.67 -8.78
CA ASP A 287 3.34 -25.08 -7.79
C ASP A 287 4.59 -24.22 -7.88
N GLU A 288 4.95 -23.86 -9.12
CA GLU A 288 6.08 -22.95 -9.36
C GLU A 288 5.79 -21.56 -8.79
N GLN A 289 4.55 -21.14 -8.95
CA GLN A 289 4.11 -19.82 -8.46
C GLN A 289 4.13 -19.77 -6.93
N LYS A 290 3.66 -20.83 -6.30
CA LYS A 290 3.67 -20.90 -4.84
C LYS A 290 5.11 -20.80 -4.32
N ALA A 291 6.04 -21.51 -4.98
CA ALA A 291 7.46 -21.50 -4.57
C ALA A 291 8.06 -20.11 -4.74
N ALA A 292 7.67 -19.45 -5.82
CA ALA A 292 8.18 -18.10 -6.14
C ALA A 292 7.66 -17.07 -5.15
N LEU A 293 6.40 -17.19 -4.76
CA LEU A 293 5.82 -16.28 -3.79
C LEU A 293 6.62 -16.38 -2.48
N THR A 294 6.82 -17.61 -2.03
CA THR A 294 7.58 -17.82 -0.81
C THR A 294 8.99 -17.24 -0.95
N ALA A 295 9.65 -17.53 -2.08
CA ALA A 295 11.04 -17.13 -2.28
C ALA A 295 11.13 -15.60 -2.31
N SER A 296 10.14 -14.99 -2.94
CA SER A 296 10.15 -13.53 -3.06
C SER A 296 10.01 -12.87 -1.69
N LEU A 297 9.15 -13.42 -0.85
CA LEU A 297 8.92 -12.84 0.47
C LEU A 297 10.07 -13.13 1.43
N LYS A 298 10.69 -14.30 1.26
CA LYS A 298 11.86 -14.70 2.05
C LYS A 298 12.99 -13.71 1.81
N GLN A 299 13.22 -13.41 0.53
CA GLN A 299 14.34 -12.52 0.17
C GLN A 299 13.99 -11.07 0.53
N LEU A 300 12.72 -10.73 0.45
CA LEU A 300 12.24 -9.40 0.87
C LEU A 300 12.56 -9.18 2.34
N VAL A 301 12.24 -10.20 3.14
CA VAL A 301 12.45 -10.15 4.58
C VAL A 301 13.93 -10.11 4.95
N GLN A 302 14.74 -10.85 4.19
CA GLN A 302 16.19 -10.86 4.38
C GLN A 302 16.78 -9.47 4.12
N ILE A 303 16.28 -8.80 3.09
CA ILE A 303 16.69 -7.41 2.78
C ILE A 303 16.27 -6.48 3.92
N ALA A 304 15.00 -6.59 4.34
CA ALA A 304 14.52 -5.76 5.45
C ALA A 304 15.35 -5.98 6.71
N ARG A 305 15.71 -7.22 6.98
CA ARG A 305 16.48 -7.56 8.18
C ARG A 305 17.83 -6.87 8.15
N SER A 306 18.47 -6.96 6.99
CA SER A 306 19.82 -6.42 6.81
C SER A 306 19.83 -4.90 6.98
N LYS A 307 18.70 -4.29 6.66
CA LYS A 307 18.55 -2.84 6.66
C LYS A 307 17.89 -2.30 7.92
N GLY A 308 17.49 -3.21 8.80
CA GLY A 308 16.81 -2.82 10.05
C GLY A 308 15.43 -2.21 9.81
N LYS A 309 14.78 -2.68 8.76
CA LYS A 309 13.42 -2.22 8.40
C LYS A 309 12.39 -3.31 8.65
N ILE A 310 11.16 -3.03 8.21
CA ILE A 310 10.05 -4.00 8.30
C ILE A 310 9.57 -4.29 6.88
N ALA A 311 9.29 -5.55 6.60
CA ALA A 311 8.79 -5.94 5.28
C ALA A 311 7.28 -6.13 5.26
N ALA A 312 6.73 -5.95 4.06
CA ALA A 312 5.30 -6.14 3.80
C ALA A 312 4.98 -6.44 2.36
N LEU A 313 3.90 -7.19 2.19
CA LEU A 313 3.35 -7.45 0.86
C LEU A 313 2.29 -6.39 0.60
N THR A 314 2.72 -5.33 -0.06
CA THR A 314 1.97 -4.07 -0.07
C THR A 314 0.85 -4.04 -1.10
N ALA A 315 0.92 -4.92 -2.07
CA ALA A 315 -0.20 -5.12 -3.01
C ALA A 315 -0.11 -6.49 -3.62
N THR A 316 -1.25 -7.17 -3.63
CA THR A 316 -1.35 -8.50 -4.23
C THR A 316 -2.81 -8.85 -4.44
N GLY A 317 -3.04 -10.07 -4.92
CA GLY A 317 -4.36 -10.58 -5.14
C GLY A 317 -4.59 -11.22 -6.49
N ASN A 318 -5.69 -11.94 -6.55
CA ASN A 318 -6.18 -12.63 -7.75
C ASN A 318 -7.43 -11.93 -8.22
N ASN A 319 -7.30 -11.18 -9.31
CA ASN A 319 -8.41 -10.40 -9.84
C ASN A 319 -9.57 -11.31 -10.21
N ARG A 320 -10.72 -10.98 -9.64
CA ARG A 320 -11.99 -11.71 -9.82
C ARG A 320 -12.04 -13.05 -9.13
N LEU A 321 -10.99 -13.33 -8.35
CA LEU A 321 -10.99 -14.48 -7.42
C LEU A 321 -11.49 -15.77 -8.10
N THR A 322 -10.78 -16.13 -9.15
CA THR A 322 -11.16 -17.28 -9.97
C THR A 322 -10.46 -18.56 -9.55
N ILE A 323 -9.55 -18.44 -8.60
CA ILE A 323 -8.74 -19.57 -8.13
C ILE A 323 -9.36 -20.21 -6.90
N ASP A 324 -9.65 -21.50 -6.99
CA ASP A 324 -10.23 -22.27 -5.88
CA ASP A 324 -10.25 -22.23 -5.88
C ASP A 324 -9.34 -22.19 -4.65
N ASN A 325 -9.94 -21.91 -3.51
CA ASN A 325 -9.22 -21.81 -2.25
C ASN A 325 -8.03 -20.86 -2.35
N PHE A 326 -8.23 -19.77 -3.06
CA PHE A 326 -7.14 -18.83 -3.30
C PHE A 326 -6.45 -18.41 -2.01
N TRP A 327 -7.26 -18.11 -1.00
CA TRP A 327 -6.75 -17.44 0.23
C TRP A 327 -5.83 -18.35 1.03
N THR A 328 -6.29 -19.56 1.29
CA THR A 328 -5.52 -20.50 2.11
C THR A 328 -4.40 -21.16 1.32
N GLU A 329 -4.68 -21.48 0.04
CA GLU A 329 -3.73 -22.27 -0.75
C GLU A 329 -2.68 -21.46 -1.50
N ARG A 330 -3.06 -20.26 -1.96
CA ARG A 330 -2.16 -19.49 -2.82
C ARG A 330 -1.56 -18.26 -2.14
N LEU A 331 -2.15 -17.84 -1.04
CA LEU A 331 -1.61 -16.70 -0.28
C LEU A 331 -1.06 -17.10 1.09
N LEU A 332 -1.93 -17.50 2.01
CA LEU A 332 -1.49 -17.87 3.35
C LEU A 332 -0.52 -19.05 3.38
N GLY A 333 -0.81 -20.10 2.63
CA GLY A 333 0.06 -21.30 2.66
C GLY A 333 1.50 -20.96 2.30
N PRO A 334 1.70 -20.28 1.16
CA PRO A 334 3.09 -19.98 0.81
C PRO A 334 3.78 -18.97 1.73
N ILE A 335 3.00 -18.10 2.37
CA ILE A 335 3.59 -17.18 3.35
C ILE A 335 4.06 -17.95 4.59
N SER A 336 3.23 -18.89 5.04
CA SER A 336 3.45 -19.57 6.31
CA SER A 336 3.45 -19.58 6.30
C SER A 336 4.44 -20.72 6.16
N ALA A 337 4.79 -21.05 4.91
CA ALA A 337 5.66 -22.20 4.62
C ALA A 337 7.11 -21.97 5.04
N ASP A 338 7.46 -20.71 5.22
CA ASP A 338 8.84 -20.29 5.49
C ASP A 338 8.87 -19.19 6.54
N ALA A 339 9.70 -19.38 7.57
CA ALA A 339 9.68 -18.51 8.76
C ALA A 339 10.23 -17.14 8.44
N ASP A 340 11.03 -17.03 7.38
CA ASP A 340 11.49 -15.72 6.92
C ASP A 340 10.34 -15.01 6.20
N ALA A 341 9.75 -15.70 5.24
CA ALA A 341 8.64 -15.15 4.45
C ALA A 341 7.52 -14.69 5.36
N SER A 342 7.31 -15.42 6.45
CA SER A 342 6.22 -15.17 7.40
CA SER A 342 6.19 -15.15 7.35
C SER A 342 6.43 -13.89 8.20
N GLU A 343 7.63 -13.37 8.13
CA GLU A 343 8.02 -12.21 8.92
C GLU A 343 7.50 -10.88 8.33
N ILE A 344 6.82 -10.96 7.20
CA ILE A 344 6.14 -9.75 6.66
C ILE A 344 5.07 -9.34 7.66
N ALA A 345 4.82 -8.04 7.76
CA ALA A 345 3.91 -7.51 8.79
C ALA A 345 2.46 -7.50 8.35
N TYR A 346 2.27 -7.30 7.06
CA TYR A 346 0.94 -7.25 6.48
C TYR A 346 0.91 -7.59 5.01
N VAL A 347 -0.31 -7.89 4.58
CA VAL A 347 -0.60 -8.17 3.18
C VAL A 347 -1.87 -7.43 2.77
N MET A 348 -1.80 -6.66 1.70
CA MET A 348 -2.96 -5.90 1.23
C MET A 348 -3.36 -6.33 -0.16
N VAL A 349 -4.66 -6.53 -0.33
CA VAL A 349 -5.21 -6.80 -1.66
C VAL A 349 -5.93 -5.57 -2.18
N TRP A 350 -6.05 -5.53 -3.50
CA TRP A 350 -6.55 -4.31 -4.17
C TRP A 350 -8.06 -4.22 -4.12
N ARG A 351 -8.57 -3.21 -4.79
CA ARG A 351 -9.94 -2.73 -4.59
C ARG A 351 -11.01 -3.61 -5.23
N ASN A 352 -12.21 -3.45 -4.70
CA ASN A 352 -13.42 -4.12 -5.18
C ASN A 352 -14.25 -3.14 -5.99
N ALA A 353 -13.84 -2.96 -7.25
CA ALA A 353 -14.47 -1.97 -8.13
C ALA A 353 -15.96 -2.18 -8.25
N ASN A 354 -16.69 -1.06 -8.21
CA ASN A 354 -18.14 -1.05 -8.31
C ASN A 354 -18.55 -1.28 -9.74
N LEU A 355 -19.29 -2.37 -9.91
CA LEU A 355 -19.65 -2.85 -11.23
C LEU A 355 -20.61 -1.90 -11.94
N ALA A 356 -21.61 -1.43 -11.22
CA ALA A 356 -22.68 -0.58 -11.80
C ALA A 356 -22.09 0.70 -12.35
N ARG A 357 -20.89 1.00 -11.88
CA ARG A 357 -20.23 2.28 -12.14
C ARG A 357 -19.08 2.11 -13.10
N GLU A 358 -18.35 1.01 -12.99
CA GLU A 358 -17.09 0.86 -13.74
C GLU A 358 -17.11 -0.07 -14.96
N LYS A 359 -18.15 -0.85 -15.09
CA LYS A 359 -18.45 -1.56 -16.35
C LYS A 359 -17.59 -2.79 -16.56
N SER A 360 -16.72 -3.07 -15.60
CA SER A 360 -15.96 -4.28 -15.73
C SER A 360 -15.58 -4.81 -14.39
N GLU A 361 -15.76 -6.12 -14.24
CA GLU A 361 -15.42 -6.79 -13.02
C GLU A 361 -13.95 -6.68 -12.72
N GLN A 362 -13.70 -6.08 -11.58
CA GLN A 362 -12.39 -6.03 -10.98
C GLN A 362 -12.56 -6.06 -9.47
N PHE A 363 -12.02 -7.10 -8.84
CA PHE A 363 -12.09 -7.19 -7.37
C PHE A 363 -11.09 -8.20 -6.85
N PHE A 364 -10.63 -7.98 -5.62
CA PHE A 364 -9.57 -8.80 -5.04
C PHE A 364 -9.89 -9.36 -3.67
N ALA A 365 -10.98 -8.87 -3.09
CA ALA A 365 -11.59 -9.48 -1.90
C ALA A 365 -12.95 -10.00 -2.31
N PRO A 366 -13.45 -11.04 -1.62
CA PRO A 366 -14.77 -11.51 -2.00
C PRO A 366 -15.89 -10.61 -1.49
N PHE A 367 -17.08 -10.99 -1.93
CA PHE A 367 -18.33 -10.43 -1.43
C PHE A 367 -19.27 -11.62 -1.17
N PRO A 368 -20.36 -11.40 -0.43
CA PRO A 368 -21.23 -12.55 -0.14
C PRO A 368 -21.66 -13.27 -1.40
N GLY A 369 -21.48 -14.59 -1.40
CA GLY A 369 -21.88 -15.44 -2.52
C GLY A 369 -20.77 -15.67 -3.52
N GLN A 370 -19.70 -14.89 -3.44
CA GLN A 370 -18.56 -15.10 -4.35
C GLN A 370 -17.87 -16.42 -4.00
N ALA A 371 -17.32 -17.10 -5.01
CA ALA A 371 -16.88 -18.51 -4.84
C ALA A 371 -15.84 -18.72 -3.75
N THR A 372 -14.99 -17.72 -3.53
CA THR A 372 -13.90 -17.86 -2.53
C THR A 372 -14.29 -17.33 -1.15
N ALA A 373 -15.55 -16.98 -0.99
CA ALA A 373 -16.00 -16.36 0.28
C ALA A 373 -15.72 -17.26 1.50
N ASP A 374 -16.03 -18.54 1.39
CA ASP A 374 -15.78 -19.46 2.53
C ASP A 374 -14.28 -19.62 2.82
N ASP A 375 -13.49 -19.68 1.75
CA ASP A 375 -12.03 -19.82 1.94
C ASP A 375 -11.46 -18.54 2.54
N PHE A 376 -12.09 -17.41 2.22
CA PHE A 376 -11.70 -16.11 2.81
C PHE A 376 -12.05 -16.10 4.30
N LYS A 377 -13.17 -16.73 4.66
CA LYS A 377 -13.52 -16.86 6.06
C LYS A 377 -12.45 -17.70 6.78
N ARG A 378 -11.97 -18.74 6.11
CA ARG A 378 -10.89 -19.56 6.67
C ARG A 378 -9.60 -18.77 6.87
N PHE A 379 -9.29 -17.92 5.90
CA PHE A 379 -8.13 -17.03 5.96
C PHE A 379 -8.26 -16.10 7.17
N TYR A 380 -9.41 -15.45 7.25
CA TYR A 380 -9.77 -14.63 8.41
C TYR A 380 -9.63 -15.39 9.73
N GLN A 381 -10.15 -16.61 9.75
CA GLN A 381 -10.19 -17.41 10.99
C GLN A 381 -8.81 -17.85 11.45
N SER A 382 -7.87 -17.93 10.51
CA SER A 382 -6.50 -18.35 10.83
C SER A 382 -5.95 -17.58 12.01
N GLU A 383 -5.33 -18.29 12.94
CA GLU A 383 -4.78 -17.65 14.13
C GLU A 383 -3.74 -16.58 13.72
N VAL A 384 -3.06 -16.84 12.62
CA VAL A 384 -1.96 -15.96 12.17
C VAL A 384 -2.49 -14.63 11.64
N VAL A 385 -3.62 -14.69 10.95
CA VAL A 385 -4.13 -13.52 10.23
C VAL A 385 -5.00 -12.63 11.11
N LEU A 386 -4.66 -11.34 11.17
CA LEU A 386 -5.44 -10.39 11.96
C LEU A 386 -6.20 -9.42 11.08
N PHE A 387 -7.49 -9.33 11.35
CA PHE A 387 -8.35 -8.26 10.82
C PHE A 387 -8.54 -7.26 11.95
N GLU A 388 -9.36 -6.23 11.71
CA GLU A 388 -9.52 -5.13 12.68
C GLU A 388 -9.94 -5.63 14.06
N ASP A 389 -10.76 -6.68 14.07
CA ASP A 389 -11.45 -7.11 15.28
C ASP A 389 -10.55 -7.74 16.33
N GLU A 390 -9.36 -8.17 15.93
CA GLU A 390 -8.41 -8.81 16.86
C GLU A 390 -7.06 -8.11 16.92
N LEU A 391 -7.00 -6.88 16.43
CA LEU A 391 -5.76 -6.11 16.57
C LEU A 391 -5.49 -5.76 18.01
N PRO A 392 -4.25 -5.92 18.47
CA PRO A 392 -3.93 -5.33 19.75
C PRO A 392 -3.90 -3.82 19.59
N PRO A 393 -3.80 -3.07 20.69
CA PRO A 393 -3.72 -1.61 20.58
C PRO A 393 -2.39 -1.21 19.96
N LEU A 394 -2.42 -0.78 18.71
CA LEU A 394 -1.20 -0.53 17.94
C LEU A 394 -0.56 0.82 18.22
N TYR A 395 -1.31 1.72 18.85
CA TYR A 395 -0.92 3.12 18.88
C TYR A 395 -0.44 3.59 20.25
N ARG A 396 -0.12 2.64 21.11
CA ARG A 396 0.65 2.95 22.33
C ARG A 396 1.75 1.95 22.65
#